data_3CBG
#
_entry.id   3CBG
#
_cell.length_a   57.622
_cell.length_b   57.622
_cell.length_c   119.834
_cell.angle_alpha   90.000
_cell.angle_beta   90.000
_cell.angle_gamma   120.000
#
_symmetry.space_group_name_H-M   'P 31 2 1'
#
loop_
_entity.id
_entity.type
_entity.pdbx_description
1 polymer O-methyltransferase
2 non-polymer 'MAGNESIUM ION'
3 non-polymer S-ADENOSYL-L-HOMOCYSTEINE
4 non-polymer '3-(4-HYDROXY-3-METHOXYPHENYL)-2-PROPENOIC ACID'
5 non-polymer '(2E)-3-(3-hydroxy-4-methoxyphenyl)prop-2-enoic acid'
6 water water
#
_entity_poly.entity_id   1
_entity_poly.type   'polypeptide(L)'
_entity_poly.pdbx_seq_one_letter_code
;MRGSHHHHHHGSMGKGITGFDPSLYSYLQSISADDSFYLAQLRRETAHLPGAPMQISPEQAQFLGLLISLTGAKQVLEIG
VFRGYSALAMALQLPPDGQIIACDQDPNATAIAKKYWQKAGVAEKISLRLGPALATLEQLTQGKPLPEFDLIFIDADKRN
YPRYYEIGLNLLRRGGLMVIDNVLWHGKVTEVDPQEAQTQVLQQFNRDLAQDERVRISVIPLGDGMTLALKK
;
_entity_poly.pdbx_strand_id   A
#
# COMPACT_ATOMS: atom_id res chain seq x y z
N LYS A 15 -5.50 -10.63 9.25
CA LYS A 15 -6.62 -10.69 8.27
C LYS A 15 -6.52 -11.89 7.31
N GLY A 16 -5.52 -12.74 7.51
CA GLY A 16 -5.36 -13.90 6.65
C GLY A 16 -5.21 -13.57 5.17
N ILE A 17 -5.93 -14.31 4.33
CA ILE A 17 -5.91 -14.10 2.89
C ILE A 17 -7.33 -14.27 2.37
N THR A 18 -7.90 -13.20 1.83
CA THR A 18 -9.26 -13.25 1.31
C THR A 18 -9.50 -14.39 0.32
N GLY A 19 -10.47 -15.23 0.66
CA GLY A 19 -10.85 -16.36 -0.18
C GLY A 19 -9.94 -17.57 -0.09
N PHE A 20 -8.97 -17.53 0.83
CA PHE A 20 -8.02 -18.62 0.99
C PHE A 20 -8.41 -19.54 2.15
N ASP A 21 -8.09 -20.83 2.00
CA ASP A 21 -8.39 -21.83 3.02
C ASP A 21 -7.74 -21.45 4.34
N PRO A 22 -8.52 -21.42 5.43
CA PRO A 22 -8.03 -21.07 6.78
C PRO A 22 -6.92 -22.00 7.26
N SER A 23 -7.08 -23.28 6.97
CA SER A 23 -6.11 -24.30 7.33
C SER A 23 -4.83 -24.19 6.52
N LEU A 24 -4.97 -23.86 5.23
CA LEU A 24 -3.80 -23.73 4.37
C LEU A 24 -3.13 -22.39 4.64
N TYR A 25 -3.91 -21.41 5.08
CA TYR A 25 -3.34 -20.12 5.40
C TYR A 25 -2.49 -20.24 6.66
N SER A 26 -2.90 -21.07 7.61
CA SER A 26 -2.13 -21.27 8.83
C SER A 26 -0.78 -21.89 8.47
N TYR A 27 -0.80 -22.84 7.56
CA TYR A 27 0.42 -23.49 7.12
C TYR A 27 1.32 -22.47 6.40
N LEU A 28 0.74 -21.77 5.44
CA LEU A 28 1.47 -20.75 4.68
C LEU A 28 2.17 -19.83 5.66
N GLN A 29 1.50 -19.48 6.76
CA GLN A 29 2.11 -18.63 7.79
C GLN A 29 3.32 -19.35 8.42
N SER A 30 3.15 -20.65 8.69
CA SER A 30 4.19 -21.50 9.30
C SER A 30 5.49 -21.47 8.53
N ILE A 31 5.35 -21.41 7.21
CA ILE A 31 6.51 -21.41 6.32
C ILE A 31 6.88 -20.02 5.79
N SER A 32 6.32 -18.98 6.42
CA SER A 32 6.58 -17.59 6.05
C SER A 32 7.54 -16.93 7.04
N ALA A 33 8.09 -15.78 6.66
CA ALA A 33 9.04 -15.05 7.50
C ALA A 33 8.40 -14.09 8.51
N ASP A 34 8.92 -14.11 9.75
CA ASP A 34 8.42 -13.22 10.82
C ASP A 34 8.82 -11.78 10.48
N ASP A 35 8.12 -10.81 11.06
CA ASP A 35 8.45 -9.41 10.83
C ASP A 35 9.72 -9.08 11.62
N SER A 36 10.52 -8.15 11.10
CA SER A 36 11.72 -7.74 11.82
C SER A 36 11.26 -7.15 13.15
N PHE A 37 12.20 -6.83 14.03
CA PHE A 37 11.86 -6.31 15.35
C PHE A 37 10.82 -5.19 15.42
N TYR A 38 11.15 -4.03 14.86
CA TYR A 38 10.25 -2.87 14.91
C TYR A 38 8.93 -3.02 14.18
N LEU A 39 8.89 -3.85 13.13
CA LEU A 39 7.65 -4.07 12.39
C LEU A 39 6.72 -4.89 13.28
N ALA A 40 7.29 -5.93 13.90
CA ALA A 40 6.56 -6.82 14.78
C ALA A 40 6.12 -6.04 16.00
N GLN A 41 7.01 -5.20 16.50
CA GLN A 41 6.72 -4.39 17.68
C GLN A 41 5.58 -3.42 17.44
N LEU A 42 5.63 -2.72 16.30
CA LEU A 42 4.60 -1.75 15.93
C LEU A 42 3.25 -2.46 15.86
N ARG A 43 3.22 -3.55 15.10
CA ARG A 43 2.02 -4.36 14.93
C ARG A 43 1.53 -4.94 16.27
N ARG A 44 2.47 -5.36 17.12
CA ARG A 44 2.13 -5.95 18.40
C ARG A 44 1.60 -4.95 19.44
N GLU A 45 2.27 -3.82 19.57
CA GLU A 45 1.86 -2.82 20.55
C GLU A 45 0.56 -2.08 20.24
N THR A 46 0.20 -2.01 18.95
CA THR A 46 -1.02 -1.31 18.55
C THR A 46 -2.17 -2.23 18.17
N ALA A 47 -2.00 -3.54 18.35
CA ALA A 47 -3.03 -4.49 18.00
C ALA A 47 -4.37 -4.20 18.68
N HIS A 48 -4.32 -3.54 19.84
CA HIS A 48 -5.51 -3.19 20.62
C HIS A 48 -6.35 -2.02 20.09
N LEU A 49 -5.67 -1.03 19.51
CA LEU A 49 -6.35 0.15 18.98
C LEU A 49 -7.29 -0.17 17.83
N PRO A 50 -8.39 0.59 17.70
CA PRO A 50 -9.34 0.34 16.62
C PRO A 50 -8.67 0.64 15.26
N GLY A 51 -9.12 -0.07 14.22
CA GLY A 51 -8.53 0.14 12.91
C GLY A 51 -7.40 -0.81 12.56
N ALA A 52 -6.82 -1.47 13.57
CA ALA A 52 -5.73 -2.43 13.34
C ALA A 52 -6.01 -3.43 12.21
N PRO A 53 -7.28 -3.85 12.05
CA PRO A 53 -7.66 -4.79 10.98
C PRO A 53 -7.48 -4.24 9.55
N MET A 54 -7.41 -2.92 9.43
CA MET A 54 -7.23 -2.26 8.13
C MET A 54 -5.81 -2.42 7.61
N GLN A 55 -4.86 -2.63 8.51
CA GLN A 55 -3.46 -2.78 8.11
C GLN A 55 -3.23 -4.02 7.24
N ILE A 56 -2.25 -3.91 6.33
CA ILE A 56 -1.91 -5.04 5.48
C ILE A 56 -1.42 -6.15 6.40
N SER A 57 -1.61 -7.39 5.98
CA SER A 57 -1.19 -8.54 6.76
C SER A 57 0.34 -8.62 6.77
N PRO A 58 0.90 -9.44 7.68
CA PRO A 58 2.36 -9.58 7.75
C PRO A 58 2.95 -10.13 6.44
N GLU A 59 2.17 -10.99 5.77
CA GLU A 59 2.59 -11.58 4.50
C GLU A 59 2.74 -10.51 3.43
N GLN A 60 1.80 -9.55 3.42
CA GLN A 60 1.88 -8.48 2.42
C GLN A 60 3.07 -7.57 2.72
N ALA A 61 3.34 -7.31 4.00
CA ALA A 61 4.46 -6.44 4.38
C ALA A 61 5.79 -7.04 3.91
N GLN A 62 5.93 -8.35 4.08
CA GLN A 62 7.13 -9.05 3.66
C GLN A 62 7.31 -8.98 2.14
N PHE A 63 6.21 -9.20 1.43
CA PHE A 63 6.20 -9.15 -0.03
C PHE A 63 6.50 -7.72 -0.50
N LEU A 64 5.93 -6.74 0.20
CA LEU A 64 6.13 -5.33 -0.09
C LEU A 64 7.61 -4.93 0.04
N GLY A 65 8.26 -5.39 1.11
CA GLY A 65 9.66 -5.06 1.30
C GLY A 65 10.52 -5.77 0.26
N LEU A 66 10.06 -6.95 -0.17
CA LEU A 66 10.77 -7.73 -1.16
C LEU A 66 10.71 -7.03 -2.52
N LEU A 67 9.60 -6.33 -2.78
CA LEU A 67 9.43 -5.60 -4.03
C LEU A 67 10.32 -4.35 -4.07
N ILE A 68 10.48 -3.67 -2.93
CA ILE A 68 11.36 -2.49 -2.86
C ILE A 68 12.78 -2.89 -3.24
N SER A 69 13.24 -4.02 -2.69
N SER A 69 13.24 -4.02 -2.69
CA SER A 69 14.56 -4.55 -2.95
CA SER A 69 14.58 -4.54 -2.96
C SER A 69 14.74 -5.02 -4.39
C SER A 69 14.74 -5.01 -4.41
N LEU A 70 13.92 -5.98 -4.80
CA LEU A 70 13.97 -6.54 -6.14
C LEU A 70 13.90 -5.49 -7.25
N THR A 71 13.10 -4.47 -7.00
CA THR A 71 12.87 -3.40 -7.96
C THR A 71 13.94 -2.29 -7.97
N GLY A 72 14.65 -2.13 -6.86
CA GLY A 72 15.67 -1.10 -6.78
C GLY A 72 15.09 0.27 -6.46
N ALA A 73 13.80 0.29 -6.16
CA ALA A 73 13.06 1.52 -5.86
C ALA A 73 13.75 2.42 -4.84
N LYS A 74 13.71 3.71 -5.11
CA LYS A 74 14.28 4.73 -4.24
C LYS A 74 13.21 5.76 -3.91
N GLN A 75 12.35 6.05 -4.90
CA GLN A 75 11.27 7.01 -4.74
C GLN A 75 9.92 6.28 -4.62
N VAL A 76 9.37 6.27 -3.41
CA VAL A 76 8.10 5.61 -3.13
C VAL A 76 7.01 6.62 -2.72
N LEU A 77 5.78 6.34 -3.15
CA LEU A 77 4.64 7.18 -2.79
C LEU A 77 3.54 6.32 -2.15
N GLU A 78 3.27 6.55 -0.87
CA GLU A 78 2.23 5.79 -0.20
C GLU A 78 0.98 6.64 0.03
N ILE A 79 -0.17 6.07 -0.27
CA ILE A 79 -1.45 6.72 -0.09
C ILE A 79 -2.22 5.77 0.83
N GLY A 80 -2.41 6.19 2.08
CA GLY A 80 -3.08 5.36 3.07
C GLY A 80 -1.97 4.87 4.00
N VAL A 81 -1.64 5.69 4.98
CA VAL A 81 -0.55 5.40 5.93
C VAL A 81 -0.97 4.71 7.22
N PHE A 82 -1.96 5.28 7.91
CA PHE A 82 -2.44 4.80 9.18
C PHE A 82 -1.35 4.90 10.25
N ARG A 83 -1.09 3.82 11.00
CA ARG A 83 -0.08 3.85 12.05
C ARG A 83 1.35 3.58 11.57
N GLY A 84 1.54 3.62 10.24
CA GLY A 84 2.86 3.43 9.64
C GLY A 84 3.42 2.04 9.39
N TYR A 85 2.64 0.98 9.60
CA TYR A 85 3.14 -0.37 9.39
C TYR A 85 3.69 -0.66 7.98
N SER A 86 2.87 -0.42 6.95
CA SER A 86 3.27 -0.67 5.56
C SER A 86 4.43 0.23 5.14
N ALA A 87 4.38 1.49 5.56
CA ALA A 87 5.44 2.44 5.23
C ALA A 87 6.75 1.96 5.87
N LEU A 88 6.65 1.44 7.09
CA LEU A 88 7.82 0.95 7.82
C LEU A 88 8.43 -0.29 7.13
N ALA A 89 7.57 -1.19 6.65
CA ALA A 89 8.03 -2.39 5.98
C ALA A 89 8.86 -2.03 4.75
N MET A 90 8.37 -1.07 3.97
CA MET A 90 9.07 -0.64 2.77
C MET A 90 10.32 0.16 3.13
N ALA A 91 10.18 1.09 4.07
CA ALA A 91 11.30 1.94 4.48
C ALA A 91 12.53 1.15 4.93
N LEU A 92 12.31 0.00 5.54
CA LEU A 92 13.41 -0.82 6.04
C LEU A 92 14.22 -1.46 4.91
N GLN A 93 13.70 -1.38 3.70
CA GLN A 93 14.39 -1.97 2.55
C GLN A 93 14.92 -0.92 1.58
N LEU A 94 14.60 0.35 1.85
CA LEU A 94 15.04 1.46 1.01
C LEU A 94 16.55 1.68 1.07
N PRO A 95 17.12 2.21 -0.02
CA PRO A 95 18.56 2.49 -0.09
C PRO A 95 18.85 3.65 0.88
N PRO A 96 20.13 3.93 1.15
CA PRO A 96 20.44 5.03 2.06
C PRO A 96 19.81 6.35 1.59
N ASP A 97 19.61 6.47 0.29
CA ASP A 97 19.02 7.65 -0.30
C ASP A 97 17.53 7.43 -0.66
N GLY A 98 16.96 6.36 -0.12
CA GLY A 98 15.56 6.05 -0.36
C GLY A 98 14.64 7.07 0.29
N GLN A 99 13.52 7.35 -0.36
CA GLN A 99 12.53 8.33 0.12
C GLN A 99 11.07 7.88 -0.05
N ILE A 100 10.26 8.08 0.98
CA ILE A 100 8.84 7.73 0.91
C ILE A 100 7.99 8.96 1.22
N ILE A 101 7.08 9.29 0.32
CA ILE A 101 6.17 10.40 0.57
C ILE A 101 4.90 9.69 1.01
N ALA A 102 4.58 9.86 2.28
CA ALA A 102 3.42 9.23 2.91
C ALA A 102 2.24 10.18 3.05
N CYS A 103 1.10 9.81 2.43
CA CYS A 103 -0.09 10.66 2.48
C CYS A 103 -1.21 10.09 3.35
N ASP A 104 -1.64 10.85 4.33
CA ASP A 104 -2.73 10.42 5.19
C ASP A 104 -3.44 11.60 5.84
N GLN A 105 -4.75 11.45 5.91
CA GLN A 105 -5.68 12.44 6.46
C GLN A 105 -5.76 12.48 7.99
N ASP A 106 -5.49 11.33 8.63
CA ASP A 106 -5.53 11.20 10.08
C ASP A 106 -4.24 11.65 10.78
N PRO A 107 -4.34 12.67 11.65
CA PRO A 107 -3.18 13.19 12.40
C PRO A 107 -2.78 12.36 13.61
N ASN A 108 -3.76 11.71 14.22
CA ASN A 108 -3.55 10.89 15.42
C ASN A 108 -2.90 9.54 15.13
N ALA A 109 -3.40 8.83 14.14
CA ALA A 109 -2.85 7.52 13.79
C ALA A 109 -1.45 7.75 13.21
N THR A 110 -1.35 8.80 12.42
CA THR A 110 -0.10 9.17 11.75
C THR A 110 0.95 9.66 12.75
N ALA A 111 0.49 10.15 13.90
CA ALA A 111 1.40 10.62 14.94
C ALA A 111 2.07 9.40 15.57
N ILE A 112 1.34 8.29 15.58
CA ILE A 112 1.84 7.04 16.11
C ILE A 112 2.81 6.45 15.08
N ALA A 113 2.51 6.67 13.81
CA ALA A 113 3.36 6.18 12.73
C ALA A 113 4.73 6.81 12.91
N LYS A 114 4.75 8.13 13.08
CA LYS A 114 5.99 8.87 13.24
C LYS A 114 6.80 8.36 14.43
N LYS A 115 6.14 8.03 15.52
CA LYS A 115 6.79 7.50 16.72
C LYS A 115 7.59 6.24 16.44
N TYR A 116 7.03 5.35 15.62
CA TYR A 116 7.69 4.10 15.29
C TYR A 116 8.72 4.18 14.19
N TRP A 117 8.56 5.12 13.26
CA TRP A 117 9.53 5.26 12.19
C TRP A 117 10.85 5.76 12.75
N GLN A 118 10.78 6.80 13.59
CA GLN A 118 11.98 7.38 14.20
C GLN A 118 12.61 6.36 15.13
N LYS A 119 11.74 5.56 15.75
CA LYS A 119 12.14 4.51 16.69
C LYS A 119 12.91 3.39 15.97
N ALA A 120 12.68 3.24 14.67
CA ALA A 120 13.35 2.21 13.88
C ALA A 120 14.47 2.83 13.05
N GLY A 121 14.56 4.16 13.12
CA GLY A 121 15.60 4.87 12.40
C GLY A 121 15.39 5.07 10.90
N VAL A 122 14.14 5.03 10.45
CA VAL A 122 13.86 5.21 9.03
C VAL A 122 13.02 6.45 8.80
N ALA A 123 12.72 7.17 9.88
CA ALA A 123 11.91 8.39 9.79
C ALA A 123 12.56 9.41 8.88
N GLU A 124 13.84 9.21 8.60
CA GLU A 124 14.60 10.10 7.73
C GLU A 124 14.21 9.89 6.28
N LYS A 125 13.76 8.67 5.98
CA LYS A 125 13.37 8.29 4.64
C LYS A 125 11.88 8.39 4.35
N ILE A 126 11.12 8.96 5.28
CA ILE A 126 9.68 9.10 5.13
C ILE A 126 9.19 10.53 5.36
N SER A 127 8.53 11.08 4.36
CA SER A 127 8.01 12.45 4.45
C SER A 127 6.50 12.39 4.51
N LEU A 128 5.94 12.54 5.70
CA LEU A 128 4.51 12.49 5.90
C LEU A 128 3.81 13.75 5.42
N ARG A 129 2.76 13.58 4.64
CA ARG A 129 1.99 14.69 4.12
C ARG A 129 0.59 14.53 4.71
N LEU A 130 0.32 15.25 5.79
CA LEU A 130 -0.98 15.18 6.47
C LEU A 130 -2.03 16.01 5.74
N GLY A 131 -3.21 15.41 5.52
CA GLY A 131 -4.28 16.10 4.82
C GLY A 131 -4.86 15.24 3.71
N PRO A 132 -6.00 15.61 3.12
CA PRO A 132 -6.60 14.81 2.04
C PRO A 132 -5.58 14.45 0.96
N ALA A 133 -5.51 13.16 0.65
CA ALA A 133 -4.58 12.64 -0.34
C ALA A 133 -4.64 13.36 -1.69
N LEU A 134 -5.85 13.66 -2.17
CA LEU A 134 -5.99 14.34 -3.46
C LEU A 134 -5.30 15.70 -3.49
N ALA A 135 -5.41 16.45 -2.39
CA ALA A 135 -4.79 17.76 -2.29
C ALA A 135 -3.27 17.60 -2.39
N THR A 136 -2.74 16.57 -1.73
CA THR A 136 -1.31 16.29 -1.74
C THR A 136 -0.81 15.85 -3.11
N LEU A 137 -1.61 15.03 -3.80
CA LEU A 137 -1.22 14.57 -5.13
C LEU A 137 -1.22 15.76 -6.08
N GLU A 138 -2.19 16.64 -5.90
CA GLU A 138 -2.28 17.83 -6.73
C GLU A 138 -1.02 18.70 -6.57
N GLN A 139 -0.49 18.79 -5.36
CA GLN A 139 0.71 19.57 -5.11
C GLN A 139 1.94 18.91 -5.71
N LEU A 140 1.97 17.58 -5.68
CA LEU A 140 3.08 16.81 -6.24
C LEU A 140 3.17 16.99 -7.75
N THR A 141 2.00 17.02 -8.40
CA THR A 141 1.94 17.19 -9.84
C THR A 141 2.23 18.65 -10.19
N GLN A 142 2.00 19.55 -9.24
CA GLN A 142 2.25 20.98 -9.44
C GLN A 142 3.72 21.30 -9.14
N GLY A 143 4.51 20.28 -8.86
CA GLY A 143 5.92 20.48 -8.52
C GLY A 143 6.89 20.71 -9.68
N LYS A 144 7.94 21.46 -9.38
CA LYS A 144 8.97 21.76 -10.38
C LYS A 144 10.33 21.26 -9.89
N PRO A 145 10.86 20.20 -10.53
CA PRO A 145 10.26 19.49 -11.66
C PRO A 145 9.28 18.41 -11.19
N LEU A 146 8.49 17.89 -12.12
CA LEU A 146 7.51 16.84 -11.82
C LEU A 146 8.17 15.61 -11.21
N PRO A 147 7.76 15.24 -9.98
CA PRO A 147 8.36 14.06 -9.33
C PRO A 147 7.92 12.76 -10.03
N GLU A 148 8.79 11.76 -10.01
CA GLU A 148 8.45 10.44 -10.59
C GLU A 148 8.96 9.33 -9.69
N PHE A 149 8.01 8.62 -9.09
CA PHE A 149 8.30 7.54 -8.17
C PHE A 149 8.58 6.23 -8.88
N ASP A 150 9.28 5.35 -8.18
CA ASP A 150 9.63 4.05 -8.73
C ASP A 150 8.48 3.10 -8.40
N LEU A 151 7.86 3.35 -7.25
CA LEU A 151 6.75 2.53 -6.78
C LEU A 151 5.71 3.36 -6.01
N ILE A 152 4.44 3.03 -6.23
CA ILE A 152 3.34 3.71 -5.57
C ILE A 152 2.39 2.70 -4.92
N PHE A 153 2.13 2.87 -3.63
CA PHE A 153 1.23 1.98 -2.90
C PHE A 153 -0.09 2.66 -2.54
N ILE A 154 -1.15 2.27 -3.24
CA ILE A 154 -2.49 2.81 -3.00
C ILE A 154 -3.23 1.91 -2.01
N ASP A 155 -3.58 2.48 -0.87
CA ASP A 155 -4.25 1.71 0.17
C ASP A 155 -5.05 2.60 1.14
N ALA A 156 -5.90 3.46 0.57
CA ALA A 156 -6.72 4.37 1.37
C ALA A 156 -8.20 4.15 1.06
N ASP A 157 -8.97 5.23 1.11
CA ASP A 157 -10.41 5.19 0.85
C ASP A 157 -10.68 4.66 -0.55
N LYS A 158 -11.39 3.53 -0.62
CA LYS A 158 -11.68 2.87 -1.88
C LYS A 158 -12.44 3.70 -2.91
N ARG A 159 -13.28 4.62 -2.42
CA ARG A 159 -14.07 5.47 -3.30
C ARG A 159 -13.20 6.24 -4.29
N ASN A 160 -12.02 6.65 -3.84
CA ASN A 160 -11.10 7.43 -4.66
C ASN A 160 -10.00 6.64 -5.38
N TYR A 161 -10.08 5.32 -5.36
CA TYR A 161 -9.07 4.50 -6.03
C TYR A 161 -8.88 4.90 -7.51
N PRO A 162 -9.98 5.08 -8.26
CA PRO A 162 -9.83 5.47 -9.66
C PRO A 162 -8.98 6.73 -9.81
N ARG A 163 -9.16 7.69 -8.90
CA ARG A 163 -8.43 8.95 -8.96
C ARG A 163 -6.96 8.74 -8.59
N TYR A 164 -6.72 8.06 -7.48
CA TYR A 164 -5.36 7.80 -7.03
C TYR A 164 -4.54 7.03 -8.08
N TYR A 165 -5.19 6.10 -8.77
CA TYR A 165 -4.52 5.31 -9.79
C TYR A 165 -4.12 6.18 -10.97
N GLU A 166 -5.10 6.93 -11.49
CA GLU A 166 -4.89 7.81 -12.65
C GLU A 166 -3.84 8.89 -12.38
N ILE A 167 -4.00 9.64 -11.30
CA ILE A 167 -3.07 10.71 -10.95
C ILE A 167 -1.69 10.12 -10.65
N GLY A 168 -1.66 9.02 -9.92
CA GLY A 168 -0.40 8.39 -9.58
C GLY A 168 0.32 7.79 -10.77
N LEU A 169 -0.45 7.33 -11.75
CA LEU A 169 0.11 6.72 -12.95
C LEU A 169 0.97 7.71 -13.72
N ASN A 170 0.59 8.99 -13.73
CA ASN A 170 1.40 9.96 -14.45
C ASN A 170 2.57 10.47 -13.59
N LEU A 171 2.54 10.17 -12.30
CA LEU A 171 3.61 10.54 -11.38
C LEU A 171 4.56 9.34 -11.19
N LEU A 172 4.31 8.27 -11.96
CA LEU A 172 5.12 7.05 -11.91
C LEU A 172 6.01 6.96 -13.14
N ARG A 173 7.27 6.58 -12.94
CA ARG A 173 8.21 6.46 -14.05
C ARG A 173 7.79 5.27 -14.89
N ARG A 174 8.26 5.22 -16.13
CA ARG A 174 7.96 4.09 -16.98
C ARG A 174 8.83 2.98 -16.43
N GLY A 175 8.21 1.84 -16.16
CA GLY A 175 8.94 0.71 -15.60
C GLY A 175 8.63 0.67 -14.12
N GLY A 176 8.05 1.75 -13.61
CA GLY A 176 7.69 1.82 -12.20
C GLY A 176 6.59 0.83 -11.87
N LEU A 177 6.34 0.60 -10.59
CA LEU A 177 5.32 -0.36 -10.18
C LEU A 177 4.22 0.22 -9.30
N MET A 178 2.99 0.06 -9.74
CA MET A 178 1.84 0.51 -8.97
C MET A 178 1.37 -0.74 -8.19
N VAL A 179 1.06 -0.55 -6.91
CA VAL A 179 0.58 -1.64 -6.06
C VAL A 179 -0.72 -1.17 -5.38
N ILE A 180 -1.80 -1.90 -5.65
CA ILE A 180 -3.10 -1.54 -5.09
C ILE A 180 -3.64 -2.64 -4.18
N ASP A 181 -4.04 -2.27 -2.96
CA ASP A 181 -4.56 -3.25 -2.02
C ASP A 181 -6.08 -3.26 -1.95
N ASN A 182 -6.64 -4.39 -1.50
CA ASN A 182 -8.08 -4.60 -1.34
C ASN A 182 -8.84 -4.82 -2.64
N VAL A 183 -8.21 -5.45 -3.63
CA VAL A 183 -8.86 -5.70 -4.92
C VAL A 183 -9.86 -6.87 -4.87
N LEU A 184 -9.79 -7.69 -3.81
CA LEU A 184 -10.73 -8.80 -3.68
C LEU A 184 -11.79 -8.47 -2.62
N TRP A 185 -11.66 -7.27 -2.05
CA TRP A 185 -12.56 -6.69 -1.05
C TRP A 185 -13.49 -7.66 -0.30
N HIS A 186 -12.91 -8.43 0.61
CA HIS A 186 -13.64 -9.38 1.43
C HIS A 186 -14.57 -10.32 0.66
N GLY A 187 -14.23 -10.58 -0.60
CA GLY A 187 -15.02 -11.46 -1.43
C GLY A 187 -16.29 -10.82 -1.96
N LYS A 188 -16.55 -9.59 -1.55
CA LYS A 188 -17.75 -8.87 -1.99
C LYS A 188 -17.73 -8.59 -3.49
N VAL A 189 -16.55 -8.67 -4.11
CA VAL A 189 -16.39 -8.40 -5.53
C VAL A 189 -17.15 -9.39 -6.40
N THR A 190 -17.61 -10.48 -5.79
CA THR A 190 -18.35 -11.52 -6.51
C THR A 190 -19.86 -11.25 -6.52
N GLU A 191 -20.30 -10.27 -5.73
CA GLU A 191 -21.72 -9.92 -5.67
C GLU A 191 -22.26 -9.46 -7.01
N VAL A 192 -23.44 -9.97 -7.35
CA VAL A 192 -24.07 -9.63 -8.62
C VAL A 192 -24.57 -8.19 -8.63
N ASP A 193 -25.27 -7.77 -7.58
CA ASP A 193 -25.73 -6.39 -7.53
C ASP A 193 -25.22 -5.79 -6.23
N PRO A 194 -23.93 -5.42 -6.19
CA PRO A 194 -23.35 -4.84 -4.97
C PRO A 194 -24.06 -3.54 -4.58
N GLN A 195 -24.41 -3.47 -3.30
CA GLN A 195 -25.09 -2.29 -2.78
C GLN A 195 -24.13 -1.34 -2.08
N GLU A 196 -23.01 -1.87 -1.59
CA GLU A 196 -22.00 -1.06 -0.92
C GLU A 196 -21.17 -0.29 -1.95
N ALA A 197 -20.93 0.99 -1.67
CA ALA A 197 -20.17 1.87 -2.57
C ALA A 197 -18.75 1.37 -2.91
N GLN A 198 -17.98 0.99 -1.89
CA GLN A 198 -16.61 0.51 -2.09
C GLN A 198 -16.56 -0.73 -2.98
N THR A 199 -17.58 -1.59 -2.88
CA THR A 199 -17.63 -2.80 -3.70
C THR A 199 -17.85 -2.44 -5.16
N GLN A 200 -18.76 -1.48 -5.38
CA GLN A 200 -19.08 -1.03 -6.73
C GLN A 200 -17.88 -0.34 -7.37
N VAL A 201 -17.22 0.51 -6.59
CA VAL A 201 -16.05 1.22 -7.08
C VAL A 201 -14.89 0.26 -7.37
N LEU A 202 -14.72 -0.74 -6.52
CA LEU A 202 -13.65 -1.70 -6.73
C LEU A 202 -13.92 -2.63 -7.90
N GLN A 203 -15.19 -2.96 -8.12
CA GLN A 203 -15.56 -3.83 -9.24
C GLN A 203 -15.22 -3.14 -10.56
N GLN A 204 -15.58 -1.87 -10.66
CA GLN A 204 -15.31 -1.13 -11.88
C GLN A 204 -13.81 -0.91 -12.04
N PHE A 205 -13.14 -0.63 -10.92
CA PHE A 205 -11.70 -0.41 -10.94
C PHE A 205 -10.93 -1.61 -11.48
N ASN A 206 -11.29 -2.80 -11.01
CA ASN A 206 -10.63 -4.03 -11.45
C ASN A 206 -10.92 -4.32 -12.93
N ARG A 207 -12.15 -4.08 -13.36
CA ARG A 207 -12.53 -4.32 -14.74
C ARG A 207 -11.78 -3.38 -15.68
N ASP A 208 -11.64 -2.13 -15.25
CA ASP A 208 -10.95 -1.11 -16.02
C ASP A 208 -9.45 -1.39 -16.12
N LEU A 209 -8.88 -1.84 -15.01
CA LEU A 209 -7.46 -2.13 -14.97
C LEU A 209 -7.08 -3.38 -15.75
N ALA A 210 -8.03 -4.32 -15.87
CA ALA A 210 -7.79 -5.57 -16.59
C ALA A 210 -7.57 -5.36 -18.09
N GLN A 211 -7.99 -4.20 -18.59
CA GLN A 211 -7.78 -3.88 -20.00
C GLN A 211 -7.11 -2.52 -20.19
N ASP A 212 -6.36 -2.10 -19.17
CA ASP A 212 -5.62 -0.84 -19.20
C ASP A 212 -4.32 -1.21 -19.91
N GLU A 213 -4.18 -0.79 -21.16
CA GLU A 213 -3.00 -1.13 -21.93
C GLU A 213 -1.74 -0.32 -21.64
N ARG A 214 -1.80 0.49 -20.59
CA ARG A 214 -0.64 1.29 -20.19
C ARG A 214 0.17 0.51 -19.14
N VAL A 215 -0.45 -0.55 -18.61
CA VAL A 215 0.17 -1.37 -17.57
C VAL A 215 0.06 -2.89 -17.81
N ARG A 216 0.99 -3.63 -17.24
CA ARG A 216 1.00 -5.09 -17.32
C ARG A 216 0.71 -5.51 -15.86
N ILE A 217 -0.45 -6.12 -15.62
CA ILE A 217 -0.82 -6.46 -14.26
C ILE A 217 -0.77 -7.93 -13.81
N SER A 218 -0.89 -8.10 -12.50
CA SER A 218 -0.86 -9.39 -11.85
C SER A 218 -1.66 -9.25 -10.54
N VAL A 219 -2.76 -10.00 -10.42
CA VAL A 219 -3.57 -9.96 -9.21
C VAL A 219 -3.05 -11.05 -8.27
N ILE A 220 -2.50 -10.63 -7.13
CA ILE A 220 -1.91 -11.52 -6.12
C ILE A 220 -2.82 -11.74 -4.89
N PRO A 221 -3.13 -13.01 -4.56
CA PRO A 221 -3.99 -13.26 -3.38
C PRO A 221 -3.25 -13.26 -2.04
N LEU A 222 -2.86 -12.08 -1.56
CA LEU A 222 -2.20 -11.95 -0.25
C LEU A 222 -3.00 -10.90 0.48
N GLY A 223 -3.31 -11.15 1.74
CA GLY A 223 -4.12 -10.20 2.50
C GLY A 223 -5.48 -10.12 1.82
N ASP A 224 -6.00 -8.91 1.60
CA ASP A 224 -7.30 -8.74 0.96
C ASP A 224 -7.18 -8.55 -0.56
N GLY A 225 -6.14 -9.14 -1.15
CA GLY A 225 -5.94 -9.06 -2.58
C GLY A 225 -5.20 -7.81 -2.98
N MET A 226 -4.11 -7.96 -3.72
CA MET A 226 -3.33 -6.82 -4.16
C MET A 226 -2.92 -6.98 -5.61
N THR A 227 -3.07 -5.91 -6.37
CA THR A 227 -2.71 -5.92 -7.78
C THR A 227 -1.42 -5.15 -8.07
N LEU A 228 -0.57 -5.77 -8.88
CA LEU A 228 0.69 -5.17 -9.29
C LEU A 228 0.52 -4.69 -10.72
N ALA A 229 0.68 -3.40 -10.94
CA ALA A 229 0.57 -2.83 -12.27
C ALA A 229 1.89 -2.17 -12.67
N LEU A 230 2.60 -2.85 -13.56
CA LEU A 230 3.89 -2.37 -14.07
C LEU A 230 3.65 -1.43 -15.25
N LYS A 231 4.09 -0.19 -15.13
CA LYS A 231 3.91 0.82 -16.18
C LYS A 231 4.83 0.59 -17.38
N LYS A 232 4.24 0.50 -18.56
CA LYS A 232 5.01 0.28 -19.78
C LYS A 232 5.83 1.51 -20.18
#